data_2HMQ
#
_entry.id   2HMQ
#
_cell.length_a   86.600
_cell.length_b   86.600
_cell.length_c   80.800
_cell.angle_alpha   90.00
_cell.angle_beta   90.00
_cell.angle_gamma   90.00
#
_symmetry.space_group_name_H-M   'P 4'
#
loop_
_entity.id
_entity.type
_entity.pdbx_description
1 polymer HEMERYTHRIN
2 non-polymer 'ACETATE ION'
3 non-polymer MU-OXO-DIIRON
4 water water
#
_entity_poly.entity_id   1
_entity_poly.type   'polypeptide(L)'
_entity_poly.pdbx_seq_one_letter_code
;GFPIPDPYCWDISFRTFYTIIDDEHKTLFNGILLLSQADNADHLNELRRCTGKHFLNEQQLMQASQYAGYAEHKKAHDDF
IHKLDTWDGDVTYAKNWLVNHIKTIDFKYRGKI
;
_entity_poly.pdbx_strand_id   A,B,C,D
#
# COMPACT_ATOMS: atom_id res chain seq x y z
N GLY A 1 -6.23 4.84 -14.55
CA GLY A 1 -5.53 5.37 -15.76
C GLY A 1 -5.46 6.88 -15.73
N PHE A 2 -4.20 7.35 -15.80
CA PHE A 2 -4.11 8.85 -15.73
C PHE A 2 -4.00 9.27 -17.19
N PRO A 3 -4.43 10.49 -17.36
CA PRO A 3 -4.30 11.11 -18.67
C PRO A 3 -2.83 11.19 -19.11
N ILE A 4 -2.54 11.08 -20.37
CA ILE A 4 -1.18 11.23 -20.94
C ILE A 4 -1.03 12.63 -21.42
N PRO A 5 -0.20 13.50 -20.90
CA PRO A 5 -0.06 14.85 -21.45
C PRO A 5 0.32 14.85 -22.94
N ASP A 6 -0.12 15.94 -23.55
CA ASP A 6 0.12 16.29 -24.94
C ASP A 6 0.27 17.83 -25.04
N PRO A 7 1.47 18.36 -25.33
CA PRO A 7 2.71 17.65 -25.57
C PRO A 7 3.14 16.88 -24.30
N TYR A 8 3.80 15.79 -24.59
CA TYR A 8 4.32 14.91 -23.57
C TYR A 8 5.48 15.59 -22.85
N CYS A 9 5.14 16.48 -21.98
CA CYS A 9 6.04 17.19 -21.09
C CYS A 9 5.41 17.15 -19.68
N TRP A 10 6.34 17.34 -18.74
CA TRP A 10 5.97 17.36 -17.32
C TRP A 10 5.02 18.47 -17.03
N ASP A 11 4.12 18.35 -16.11
CA ASP A 11 3.27 19.51 -15.69
C ASP A 11 3.23 19.48 -14.16
N ILE A 12 2.70 20.51 -13.53
CA ILE A 12 2.72 20.51 -12.05
C ILE A 12 1.87 19.46 -11.39
N SER A 13 1.00 18.73 -12.05
CA SER A 13 0.25 17.62 -11.48
C SER A 13 1.17 16.48 -11.05
N PHE A 14 2.40 16.45 -11.60
CA PHE A 14 3.40 15.41 -11.35
C PHE A 14 4.24 15.80 -10.18
N ARG A 15 3.99 16.95 -9.60
CA ARG A 15 4.87 17.36 -8.48
C ARG A 15 4.92 16.34 -7.35
N THR A 16 6.15 16.02 -6.88
CA THR A 16 6.31 15.12 -5.77
C THR A 16 6.57 15.91 -4.51
N PHE A 17 6.94 17.15 -4.65
CA PHE A 17 7.37 18.00 -3.56
C PHE A 17 8.82 17.88 -3.17
N TYR A 18 9.58 17.09 -3.88
CA TYR A 18 11.03 16.95 -3.78
C TYR A 18 11.56 17.63 -5.05
N THR A 19 12.12 18.80 -4.94
CA THR A 19 12.55 19.57 -6.11
C THR A 19 13.57 18.83 -6.91
N ILE A 20 14.55 18.15 -6.41
CA ILE A 20 15.51 17.42 -7.25
C ILE A 20 14.83 16.32 -8.00
N ILE A 21 13.93 15.56 -7.40
CA ILE A 21 13.21 14.52 -8.04
C ILE A 21 12.37 15.16 -9.16
N VAL A 21 13.93 15.56 -7.40
CA VAL A 21 13.21 14.52 -8.04
C VAL A 21 12.37 15.16 -9.16
N ASP A 22 11.63 16.18 -8.89
CA ASP A 22 10.79 16.78 -9.96
C ASP A 22 11.69 17.20 -11.13
N ASP A 23 12.78 17.89 -10.90
CA ASP A 23 13.74 18.32 -11.97
C ASP A 23 14.23 17.10 -12.68
N GLU A 24 14.58 16.01 -12.09
CA GLU A 24 14.95 14.83 -12.86
C GLU A 24 13.85 14.28 -13.72
N HIS A 25 12.64 14.24 -13.12
CA HIS A 25 11.47 13.75 -13.86
C HIS A 25 11.24 14.53 -15.15
N LYS A 26 11.44 15.81 -15.14
CA LYS A 26 11.29 16.63 -16.34
C LYS A 26 12.18 16.11 -17.44
N THR A 27 13.37 15.60 -17.11
CA THR A 27 14.31 15.09 -18.12
C THR A 27 13.80 13.81 -18.62
N LEU A 28 13.02 13.01 -17.96
CA LEU A 28 12.50 11.74 -18.43
C LEU A 28 11.30 12.07 -19.42
N PHE A 29 10.47 12.99 -19.09
CA PHE A 29 9.40 13.44 -20.02
C PHE A 29 10.09 13.82 -21.36
N ASN A 30 11.08 14.70 -21.22
CA ASN A 30 11.82 15.19 -22.43
C ASN A 30 12.38 14.03 -23.16
N GLY A 31 13.05 13.05 -22.63
CA GLY A 31 13.64 11.92 -23.32
C GLY A 31 12.57 11.17 -24.13
N ILE A 32 11.38 10.95 -23.54
CA ILE A 32 10.32 10.24 -24.24
C ILE A 32 9.75 11.16 -25.31
N LEU A 33 9.62 12.43 -25.18
CA LEU A 33 9.15 13.29 -26.22
C LEU A 33 10.13 13.23 -27.43
N LEU A 34 11.41 13.34 -27.22
CA LEU A 34 12.38 13.25 -28.33
C LEU A 34 12.21 11.94 -29.04
N LEU A 35 12.11 10.81 -28.40
CA LEU A 35 11.93 9.55 -29.08
C LEU A 35 10.63 9.58 -29.90
N SER A 36 9.63 10.25 -29.40
CA SER A 36 8.31 10.33 -30.10
C SER A 36 8.57 11.13 -31.36
N GLN A 37 9.43 12.10 -31.37
CA GLN A 37 9.75 12.86 -32.58
C GLN A 37 10.60 12.09 -33.55
N ALA A 38 11.56 11.32 -33.14
CA ALA A 38 12.51 10.57 -33.92
C ALA A 38 13.08 9.44 -33.11
N ASP A 39 12.75 8.23 -33.43
CA ASP A 39 13.24 7.05 -32.74
C ASP A 39 14.66 6.71 -33.18
N ASN A 40 15.65 7.41 -32.68
CA ASN A 40 17.08 7.11 -33.04
C ASN A 40 17.98 6.89 -31.80
N ALA A 41 19.21 6.57 -32.06
CA ALA A 41 20.21 6.30 -31.00
C ALA A 41 20.48 7.53 -30.18
N ASP A 42 20.63 8.71 -30.73
CA ASP A 42 20.88 9.85 -29.93
C ASP A 42 19.77 10.01 -28.87
N HIS A 43 18.55 10.00 -29.36
CA HIS A 43 17.45 10.18 -28.41
C HIS A 43 17.36 9.09 -27.40
N LEU A 44 17.58 7.83 -27.78
CA LEU A 44 17.51 6.75 -26.83
C LEU A 44 18.68 6.89 -25.81
N ASN A 45 19.85 7.26 -26.22
CA ASN A 45 20.93 7.52 -25.27
C ASN A 45 20.54 8.58 -24.27
N GLU A 46 20.02 9.69 -24.67
CA GLU A 46 19.63 10.75 -23.78
C GLU A 46 18.63 10.27 -22.71
N LEU A 47 17.57 9.62 -23.14
CA LEU A 47 16.59 9.07 -22.25
C LEU A 47 17.27 8.03 -21.35
N ARG A 48 17.99 7.10 -21.85
CA ARG A 48 18.60 6.02 -21.08
C ARG A 48 19.58 6.57 -20.04
N ARG A 49 20.39 7.57 -20.36
CA ARG A 49 21.28 8.20 -19.39
C ARG A 49 20.41 8.83 -18.27
N CYS A 50 19.46 9.67 -18.60
CA CYS A 50 18.63 10.37 -17.65
C CYS A 50 17.82 9.39 -16.81
N THR A 51 17.37 8.29 -17.32
CA THR A 51 16.60 7.28 -16.57
C THR A 51 17.51 6.57 -15.58
N GLY A 52 18.68 6.13 -16.05
CA GLY A 52 19.64 5.48 -15.18
C GLY A 52 20.02 6.36 -14.04
N LYS A 53 20.30 7.60 -14.24
CA LYS A 53 20.72 8.54 -13.24
C LYS A 53 19.53 8.82 -12.29
N HIS A 54 18.33 9.08 -12.80
CA HIS A 54 17.21 9.37 -11.92
C HIS A 54 16.90 8.16 -11.04
N PHE A 55 16.83 6.99 -11.57
CA PHE A 55 16.52 5.77 -10.80
C PHE A 55 17.53 5.60 -9.67
N LEU A 56 18.78 5.79 -9.93
CA LEU A 56 19.84 5.65 -8.93
C LEU A 56 19.72 6.72 -7.84
N ASN A 57 19.52 7.94 -8.16
CA ASN A 57 19.41 8.98 -7.25
C ASN A 57 18.16 8.81 -6.37
N GLU A 58 17.10 8.38 -6.98
CA GLU A 58 15.86 8.25 -6.19
C GLU A 58 16.02 7.07 -5.34
N GLN A 59 16.70 6.04 -5.67
CA GLN A 59 17.01 4.86 -4.87
C GLN A 59 17.85 5.27 -3.67
N GLN A 60 18.81 6.17 -3.91
CA GLN A 60 19.67 6.67 -2.82
C GLN A 60 18.83 7.47 -1.88
N LEU A 61 17.93 8.31 -2.30
CA LEU A 61 17.03 9.03 -1.40
C LEU A 61 16.18 8.11 -0.56
N MET A 62 15.66 7.01 -1.10
CA MET A 62 14.89 6.00 -0.45
C MET A 62 15.73 5.35 0.66
N GLN A 63 16.94 4.95 0.29
CA GLN A 63 17.83 4.31 1.26
C GLN A 63 18.21 5.20 2.40
N ALA A 64 18.29 6.48 2.23
CA ALA A 64 18.73 7.39 3.27
C ALA A 64 17.75 7.43 4.49
N SER A 65 16.52 7.04 4.28
CA SER A 65 15.54 6.99 5.36
C SER A 65 15.12 5.55 5.56
N GLN A 66 15.79 4.59 5.05
CA GLN A 66 15.53 3.18 5.10
C GLN A 66 14.08 2.90 4.75
N TYR A 67 13.60 3.51 3.68
CA TYR A 67 12.25 3.40 3.15
C TYR A 67 11.91 1.94 3.00
N ALA A 68 10.72 1.63 3.57
CA ALA A 68 10.23 0.27 3.57
C ALA A 68 9.82 -0.22 2.21
N GLY A 69 9.47 0.63 1.25
CA GLY A 69 9.10 0.12 -0.10
C GLY A 69 10.23 0.05 -1.06
N TYR A 70 11.46 0.22 -0.63
CA TYR A 70 12.64 0.28 -1.51
C TYR A 70 12.68 -0.89 -2.46
N ALA A 71 12.67 -2.13 -2.07
CA ALA A 71 12.86 -3.27 -2.89
C ALA A 71 11.87 -3.29 -4.03
N GLU A 72 10.63 -3.08 -3.73
CA GLU A 72 9.62 -3.13 -4.77
C GLU A 72 9.81 -2.01 -5.75
N HIS A 73 10.22 -0.87 -5.28
CA HIS A 73 10.40 0.30 -6.17
C HIS A 73 11.59 0.08 -7.08
N LYS A 74 12.66 -0.40 -6.52
CA LYS A 74 13.86 -0.67 -7.29
C LYS A 74 13.53 -1.63 -8.40
N LYS A 75 12.74 -2.66 -8.09
CA LYS A 75 12.37 -3.67 -9.09
C LYS A 75 11.58 -3.05 -10.22
N ALA A 76 10.68 -2.12 -9.97
CA ALA A 76 9.93 -1.39 -10.96
C ALA A 76 10.90 -0.63 -11.88
N HIS A 77 11.84 0.09 -11.29
CA HIS A 77 12.87 0.83 -12.06
C HIS A 77 13.72 -0.07 -12.92
N ASP A 78 14.19 -1.16 -12.41
CA ASP A 78 15.07 -2.09 -13.12
C ASP A 78 14.31 -2.66 -14.30
N ASP A 79 13.03 -2.97 -14.14
CA ASP A 79 12.21 -3.50 -15.24
C ASP A 79 12.16 -2.45 -16.32
N PHE A 80 12.00 -1.19 -16.03
CA PHE A 80 11.95 -0.18 -17.10
C PHE A 80 13.32 -0.08 -17.80
N ILE A 81 14.40 -0.06 -17.02
CA ILE A 81 15.74 -0.05 -17.68
C ILE A 81 15.87 -1.18 -18.68
N HIS A 82 15.44 -2.34 -18.29
CA HIS A 82 15.50 -3.52 -19.20
C HIS A 82 14.79 -3.23 -20.51
N LYS A 83 13.65 -2.59 -20.44
CA LYS A 83 12.86 -2.22 -21.59
C LYS A 83 13.64 -1.22 -22.44
N LEU A 84 14.31 -0.26 -21.82
CA LEU A 84 15.14 0.65 -22.55
C LEU A 84 16.34 -0.09 -23.13
N ASP A 85 16.90 -1.09 -22.49
CA ASP A 85 18.07 -1.77 -23.02
C ASP A 85 17.65 -2.79 -24.08
N THR A 86 16.40 -3.10 -24.24
CA THR A 86 15.95 -4.03 -25.27
C THR A 86 14.97 -3.26 -26.12
N TRP A 87 15.14 -1.98 -26.34
CA TRP A 87 14.21 -1.05 -26.99
C TRP A 87 13.68 -1.63 -28.35
N ASP A 88 12.36 -1.60 -28.43
CA ASP A 88 11.61 -2.11 -29.59
C ASP A 88 10.87 -0.94 -30.24
N GLY A 89 11.02 0.28 -29.82
CA GLY A 89 10.34 1.45 -30.33
C GLY A 89 8.93 1.71 -29.84
N ASP A 90 8.45 1.00 -28.85
CA ASP A 90 7.10 1.21 -28.32
C ASP A 90 7.05 2.45 -27.47
N VAL A 91 6.95 3.58 -28.05
CA VAL A 91 6.89 4.86 -27.36
C VAL A 91 5.61 4.94 -26.53
N THR A 92 4.54 4.34 -26.98
CA THR A 92 3.27 4.41 -26.23
C THR A 92 3.42 3.74 -24.91
N TYR A 93 4.05 2.59 -24.90
CA TYR A 93 4.30 1.91 -23.64
C TYR A 93 5.05 2.93 -22.71
N ALA A 94 6.14 3.47 -23.24
CA ALA A 94 6.98 4.37 -22.42
C ALA A 94 6.18 5.51 -21.88
N LYS A 95 5.36 6.18 -22.67
CA LYS A 95 4.60 7.30 -22.24
C LYS A 95 3.68 6.96 -21.08
N ASN A 96 3.10 5.80 -21.20
CA ASN A 96 2.16 5.33 -20.18
C ASN A 96 2.95 4.97 -18.90
N TRP A 97 3.96 4.15 -19.12
CA TRP A 97 4.77 3.66 -17.97
C TRP A 97 5.20 4.86 -17.15
N LEU A 98 5.75 5.89 -17.68
CA LEU A 98 6.23 7.01 -16.85
C LEU A 98 5.13 7.68 -16.13
N VAL A 99 3.99 8.02 -16.71
CA VAL A 99 2.89 8.67 -16.03
C VAL A 99 2.43 7.81 -14.88
N ASN A 100 2.17 6.57 -15.05
CA ASN A 100 1.72 5.69 -13.99
C ASN A 100 2.82 5.50 -12.91
N HIS A 101 4.08 5.38 -13.30
CA HIS A 101 5.14 5.23 -12.30
C HIS A 101 5.18 6.42 -11.34
N ILE A 102 5.20 7.61 -11.88
CA ILE A 102 5.25 8.76 -11.02
C ILE A 102 4.02 8.84 -10.10
N LYS A 103 2.84 8.90 -10.69
CA LYS A 103 1.55 9.10 -9.95
C LYS A 103 1.16 7.99 -9.08
N THR A 104 1.56 6.75 -9.22
CA THR A 104 1.28 5.68 -8.29
C THR A 104 2.47 5.19 -7.50
N ILE A 105 3.68 5.03 -7.99
CA ILE A 105 4.76 4.45 -7.21
C ILE A 105 5.64 5.48 -6.56
N ASP A 106 5.99 6.56 -7.23
CA ASP A 106 6.76 7.63 -6.66
C ASP A 106 5.90 8.38 -5.67
N PHE A 107 4.63 8.55 -6.00
CA PHE A 107 3.78 9.31 -5.06
C PHE A 107 3.68 8.58 -3.74
N LYS A 108 3.75 7.26 -3.71
CA LYS A 108 3.65 6.53 -2.43
C LYS A 108 4.82 6.84 -1.48
N TYR A 109 5.99 7.35 -1.88
CA TYR A 109 7.06 7.61 -0.90
C TYR A 109 6.92 8.98 -0.30
N ARG A 110 6.02 9.83 -0.74
CA ARG A 110 5.90 11.21 -0.23
C ARG A 110 5.67 11.26 1.27
N GLY A 111 6.50 12.01 1.97
CA GLY A 111 6.35 12.04 3.46
C GLY A 111 7.14 10.97 4.15
N LYS A 112 7.72 9.99 3.54
CA LYS A 112 8.44 8.87 4.11
C LYS A 112 9.91 8.93 3.84
N ILE A 113 10.30 9.82 2.97
CA ILE A 113 11.75 9.94 2.63
C ILE A 113 12.06 11.43 2.62
N GLY B 1 -2.20 35.64 12.19
CA GLY B 1 -1.92 35.38 13.69
C GLY B 1 -2.45 33.97 14.02
N PHE B 2 -1.52 33.10 14.37
CA PHE B 2 -1.68 31.67 14.55
C PHE B 2 -1.67 31.24 15.99
N PRO B 3 -2.36 30.14 16.23
CA PRO B 3 -2.34 29.53 17.57
C PRO B 3 -0.94 29.07 17.97
N ILE B 4 -0.80 29.04 19.31
CA ILE B 4 0.46 28.58 19.85
C ILE B 4 0.26 27.15 20.27
N PRO B 5 0.99 26.20 19.74
CA PRO B 5 0.74 24.82 20.20
C PRO B 5 1.08 24.70 21.67
N ASP B 6 0.30 23.90 22.38
CA ASP B 6 0.56 23.58 23.83
C ASP B 6 0.42 22.06 23.92
N PRO B 7 1.42 21.23 24.23
CA PRO B 7 2.79 21.60 24.60
C PRO B 7 3.43 22.19 23.36
N TYR B 8 4.33 23.08 23.61
CA TYR B 8 5.08 23.77 22.61
C TYR B 8 6.16 22.84 21.96
N CYS B 9 5.65 22.13 21.03
CA CYS B 9 6.25 21.18 20.14
C CYS B 9 5.59 21.29 18.76
N TRP B 10 6.55 21.01 17.85
CA TRP B 10 6.24 21.05 16.43
C TRP B 10 5.05 20.21 16.12
N ASP B 11 4.28 20.54 15.10
CA ASP B 11 3.18 19.60 14.66
C ASP B 11 3.12 19.64 13.13
N ILE B 12 2.34 18.77 12.49
CA ILE B 12 2.38 18.74 11.01
C ILE B 12 1.80 19.94 10.32
N SER B 13 1.15 20.85 11.00
CA SER B 13 0.63 22.12 10.45
C SER B 13 1.76 23.04 10.07
N PHE B 14 2.98 22.74 10.59
CA PHE B 14 4.16 23.54 10.30
C PHE B 14 4.99 23.00 9.13
N ARG B 15 4.60 21.86 8.60
CA ARG B 15 5.34 21.28 7.52
C ARG B 15 5.59 22.27 6.41
N THR B 16 6.77 22.38 5.92
CA THR B 16 7.11 23.18 4.80
C THR B 16 7.27 22.24 3.62
N PHE B 17 7.38 20.95 3.82
CA PHE B 17 7.65 19.94 2.78
C PHE B 17 9.12 19.89 2.32
N TYR B 18 9.98 20.58 2.99
CA TYR B 18 11.46 20.50 2.91
C TYR B 18 11.84 19.70 4.20
N THR B 19 12.04 18.40 4.11
CA THR B 19 12.26 17.57 5.34
C THR B 19 13.42 18.06 6.17
N ILE B 20 14.49 18.50 5.59
CA ILE B 20 15.62 19.04 6.37
C ILE B 20 15.18 20.22 7.21
N ILE B 21 14.42 21.12 6.57
CA ILE B 21 13.90 22.33 7.20
C ILE B 21 12.93 21.93 8.30
N VAL B 21 14.42 21.12 6.57
CA VAL B 21 13.90 22.33 7.20
C VAL B 21 12.93 21.93 8.30
N ASP B 22 12.02 21.01 8.06
CA ASP B 22 11.09 20.61 9.10
C ASP B 22 11.88 20.06 10.27
N ASP B 23 12.80 19.15 10.02
CA ASP B 23 13.59 18.53 11.13
C ASP B 23 14.34 19.62 11.85
N GLU B 24 14.98 20.58 11.23
CA GLU B 24 15.59 21.66 11.96
C GLU B 24 14.59 22.46 12.81
N HIS B 25 13.43 22.73 12.23
CA HIS B 25 12.38 23.47 13.02
C HIS B 25 11.99 22.77 14.26
N LYS B 26 11.89 21.45 14.30
CA LYS B 26 11.55 20.65 15.47
C LYS B 26 12.53 20.97 16.60
N THR B 27 13.81 21.22 16.24
CA THR B 27 14.79 21.54 17.27
C THR B 27 14.56 22.93 17.85
N LEU B 28 14.03 23.87 17.11
CA LEU B 28 13.78 25.25 17.64
C LEU B 28 12.56 25.15 18.59
N PHE B 29 11.53 24.43 18.22
CA PHE B 29 10.40 24.19 19.10
C PHE B 29 10.94 23.65 20.44
N ASN B 30 11.70 22.62 20.43
CA ASN B 30 12.25 22.00 21.67
C ASN B 30 13.07 22.99 22.43
N GLY B 31 13.86 23.81 21.80
CA GLY B 31 14.70 24.79 22.44
C GLY B 31 13.80 25.75 23.26
N ILE B 32 12.78 26.27 22.63
CA ILE B 32 11.86 27.20 23.36
C ILE B 32 11.15 26.39 24.40
N LEU B 33 10.76 25.17 24.20
CA LEU B 33 10.14 24.41 25.23
C LEU B 33 11.11 24.31 26.44
N LEU B 34 12.34 24.00 26.34
CA LEU B 34 13.24 23.92 27.48
C LEU B 34 13.29 25.20 28.30
N LEU B 35 13.45 26.31 27.67
CA LEU B 35 13.52 27.62 28.24
C LEU B 35 12.22 27.89 29.04
N SER B 36 11.16 27.39 28.53
CA SER B 36 9.84 27.53 29.11
C SER B 36 9.80 26.67 30.36
N GLN B 37 10.69 25.76 30.55
CA GLN B 37 10.67 24.92 31.74
C GLN B 37 11.71 25.43 32.73
N ALA B 38 12.82 25.89 32.27
CA ALA B 38 13.91 26.36 33.09
C ALA B 38 14.70 27.34 32.23
N ASP B 39 14.67 28.54 32.66
CA ASP B 39 15.36 29.63 31.98
C ASP B 39 16.78 29.65 32.54
N ASN B 40 17.58 28.82 31.95
CA ASN B 40 19.01 28.75 32.36
C ASN B 40 19.88 28.81 31.13
N ALA B 41 21.19 28.79 31.29
CA ALA B 41 22.19 28.78 30.25
C ALA B 41 22.29 27.44 29.47
N ASP B 42 22.17 26.26 29.99
CA ASP B 42 22.24 25.07 29.18
C ASP B 42 21.13 25.19 28.12
N HIS B 43 19.96 25.52 28.57
CA HIS B 43 18.82 25.66 27.65
C HIS B 43 18.93 26.76 26.67
N LEU B 44 19.47 27.91 27.05
CA LEU B 44 19.62 28.96 26.04
C LEU B 44 20.72 28.61 25.03
N ASN B 45 21.73 27.90 25.40
CA ASN B 45 22.86 27.55 24.50
C ASN B 45 22.32 26.60 23.41
N GLU B 46 21.52 25.71 23.92
CA GLU B 46 20.84 24.70 23.09
C GLU B 46 19.97 25.37 22.09
N LEU B 47 19.04 26.28 22.49
CA LEU B 47 18.25 27.01 21.50
C LEU B 47 19.15 27.82 20.63
N ARG B 48 20.07 28.62 21.08
CA ARG B 48 20.93 29.47 20.32
C ARG B 48 21.74 28.72 19.21
N ARG B 49 22.34 27.60 19.54
CA ARG B 49 23.09 26.75 18.60
C ARG B 49 22.14 26.35 17.50
N CYS B 50 21.06 25.62 17.81
CA CYS B 50 20.05 25.20 16.83
C CYS B 50 19.50 26.33 16.01
N THR B 51 19.27 27.50 16.54
CA THR B 51 18.79 28.67 15.82
C THR B 51 19.82 29.16 14.84
N GLY B 52 21.02 29.39 15.29
CA GLY B 52 22.08 29.85 14.41
C GLY B 52 22.27 28.84 13.23
N LYS B 53 22.28 27.57 13.53
CA LYS B 53 22.53 26.56 12.51
C LYS B 53 21.39 26.57 11.50
N HIS B 54 20.15 26.54 12.05
CA HIS B 54 18.97 26.52 11.14
C HIS B 54 18.95 27.74 10.26
N PHE B 55 19.12 28.92 10.76
CA PHE B 55 19.04 30.12 9.96
C PHE B 55 20.11 30.12 8.89
N LEU B 56 21.29 29.68 9.22
CA LEU B 56 22.33 29.66 8.17
C LEU B 56 22.02 28.61 7.12
N ASN B 57 21.64 27.42 7.42
CA ASN B 57 21.28 26.41 6.45
C ASN B 57 20.16 26.86 5.57
N GLU B 58 19.11 27.42 6.20
CA GLU B 58 17.94 27.88 5.41
C GLU B 58 18.36 29.00 4.51
N GLN B 59 19.22 29.86 4.90
CA GLN B 59 19.78 30.94 4.11
C GLN B 59 20.54 30.39 2.93
N GLN B 60 21.28 29.33 3.10
CA GLN B 60 22.00 28.68 2.02
C GLN B 60 21.05 28.10 1.01
N LEU B 61 20.03 27.45 1.50
CA LEU B 61 19.01 26.87 0.66
C LEU B 61 18.36 27.95 -0.20
N MET B 62 18.04 29.10 0.37
CA MET B 62 17.48 30.21 -0.38
C MET B 62 18.45 30.70 -1.43
N GLN B 63 19.71 30.85 -1.05
CA GLN B 63 20.76 31.34 -1.97
C GLN B 63 20.95 30.40 -3.16
N ALA B 64 20.80 29.12 -3.00
CA ALA B 64 21.01 28.12 -4.07
C ALA B 64 20.09 28.28 -5.26
N SER B 65 18.98 28.91 -5.10
CA SER B 65 18.02 29.15 -6.18
C SER B 65 17.86 30.66 -6.41
N GLN B 66 18.73 31.43 -5.91
CA GLN B 66 18.81 32.89 -5.94
C GLN B 66 17.47 33.49 -5.52
N TYR B 67 16.94 33.03 -4.40
CA TYR B 67 15.58 33.46 -3.95
C TYR B 67 15.45 34.96 -3.85
N ALA B 68 14.40 35.49 -4.49
CA ALA B 68 14.06 36.95 -4.47
C ALA B 68 13.79 37.55 -3.09
N GLY B 69 13.27 36.84 -2.13
CA GLY B 69 12.96 37.26 -0.78
C GLY B 69 14.02 36.97 0.25
N TYR B 70 15.22 36.74 -0.23
CA TYR B 70 16.28 36.44 0.73
C TYR B 70 16.55 37.50 1.74
N ALA B 71 16.88 38.69 1.31
CA ALA B 71 17.32 39.82 2.16
C ALA B 71 16.33 40.17 3.24
N GLU B 72 15.05 40.09 3.02
CA GLU B 72 14.01 40.37 3.98
C GLU B 72 14.00 39.22 4.99
N HIS B 73 14.23 38.03 4.45
CA HIS B 73 14.17 36.82 5.27
C HIS B 73 15.39 36.82 6.14
N LYS B 74 16.55 37.08 5.60
CA LYS B 74 17.77 37.10 6.44
C LYS B 74 17.66 38.15 7.51
N LYS B 75 17.08 39.29 7.16
CA LYS B 75 16.94 40.36 8.23
C LYS B 75 16.03 39.90 9.32
N ALA B 76 14.96 39.21 9.06
CA ALA B 76 14.11 38.63 10.10
C ALA B 76 14.96 37.77 11.02
N HIS B 77 15.71 36.84 10.43
CA HIS B 77 16.51 35.86 11.17
C HIS B 77 17.48 36.51 12.12
N ASP B 78 18.18 37.49 11.55
CA ASP B 78 19.26 38.22 12.27
C ASP B 78 18.68 39.00 13.46
N ASP B 79 17.45 39.45 13.42
CA ASP B 79 16.81 40.19 14.52
C ASP B 79 16.52 39.24 15.65
N PHE B 80 16.04 38.05 15.31
CA PHE B 80 15.77 37.02 16.33
C PHE B 80 17.09 36.57 16.96
N ILE B 81 18.16 36.29 16.22
CA ILE B 81 19.43 35.92 16.78
C ILE B 81 19.80 36.97 17.84
N HIS B 82 19.72 38.22 17.44
CA HIS B 82 20.00 39.37 18.31
C HIS B 82 19.18 39.34 19.61
N LYS B 83 17.92 38.99 19.62
CA LYS B 83 17.16 38.84 20.85
C LYS B 83 17.73 37.76 21.71
N LEU B 84 18.19 36.70 21.02
CA LEU B 84 18.72 35.57 21.79
C LEU B 84 20.06 35.97 22.37
N ASP B 85 20.79 36.84 21.71
CA ASP B 85 22.10 37.23 22.23
C ASP B 85 22.00 38.24 23.39
N THR B 86 20.86 38.82 23.52
CA THR B 86 20.52 39.76 24.62
C THR B 86 19.30 39.20 25.34
N TRP B 87 19.21 37.89 25.61
CA TRP B 87 18.02 37.24 26.16
C TRP B 87 17.54 38.03 27.38
N ASP B 88 16.24 38.12 27.46
CA ASP B 88 15.56 38.88 28.56
C ASP B 88 14.59 37.99 29.33
N GLY B 89 14.47 36.74 28.98
CA GLY B 89 13.61 35.76 29.61
C GLY B 89 12.23 35.79 29.03
N ASP B 90 12.11 36.59 27.98
CA ASP B 90 10.77 36.71 27.39
C ASP B 90 10.45 35.52 26.47
N VAL B 91 9.96 34.46 27.06
CA VAL B 91 9.59 33.21 26.45
C VAL B 91 8.35 33.33 25.64
N THR B 92 7.53 34.34 25.96
CA THR B 92 6.23 34.41 25.23
C THR B 92 6.45 35.00 23.85
N TYR B 93 7.36 35.95 23.84
CA TYR B 93 7.80 36.58 22.63
C TYR B 93 8.33 35.48 21.66
N ALA B 94 9.18 34.63 22.20
CA ALA B 94 9.84 33.59 21.42
C ALA B 94 8.83 32.59 20.94
N LYS B 95 7.87 32.14 21.72
CA LYS B 95 6.83 31.18 21.31
C LYS B 95 6.04 31.72 20.13
N ASN B 96 5.83 33.02 20.19
CA ASN B 96 5.11 33.75 19.21
C ASN B 96 5.86 34.00 17.90
N TRP B 97 7.05 34.51 18.07
CA TRP B 97 7.96 34.81 16.97
C TRP B 97 8.09 33.56 16.08
N LEU B 98 8.49 32.44 16.68
CA LEU B 98 8.69 31.26 15.87
C LEU B 98 7.46 30.83 15.16
N VAL B 99 6.30 30.78 15.76
CA VAL B 99 5.09 30.34 15.08
C VAL B 99 4.81 31.19 13.83
N ASN B 100 4.85 32.46 13.94
CA ASN B 100 4.57 33.42 12.86
C ASN B 100 5.67 33.36 11.82
N HIS B 101 6.91 33.34 12.26
CA HIS B 101 8.02 33.23 11.27
C HIS B 101 7.83 32.06 10.35
N ILE B 102 7.61 30.88 10.90
CA ILE B 102 7.42 29.73 10.01
C ILE B 102 6.22 29.92 9.08
N LYS B 103 5.04 30.17 9.69
CA LYS B 103 3.74 30.21 9.00
C LYS B 103 3.58 31.39 8.09
N THR B 104 4.39 32.37 8.17
CA THR B 104 4.33 33.45 7.26
C THR B 104 5.60 33.55 6.41
N ILE B 105 6.75 33.78 6.85
CA ILE B 105 7.98 34.03 6.11
C ILE B 105 8.55 32.76 5.49
N ASP B 106 8.66 31.70 6.27
CA ASP B 106 9.16 30.43 5.71
C ASP B 106 8.13 29.90 4.76
N PHE B 107 6.84 29.93 5.06
CA PHE B 107 5.87 29.36 4.08
C PHE B 107 5.93 30.07 2.75
N LYS B 108 6.42 31.25 2.73
CA LYS B 108 6.50 32.02 1.50
C LYS B 108 7.48 31.43 0.54
N TYR B 109 8.56 30.79 0.94
CA TYR B 109 9.54 30.31 -0.10
C TYR B 109 9.04 29.02 -0.64
N ARG B 110 8.05 28.37 -0.19
CA ARG B 110 7.70 27.03 -0.70
C ARG B 110 7.51 27.06 -2.18
N GLY B 111 8.02 26.08 -2.92
CA GLY B 111 7.90 26.08 -4.38
C GLY B 111 8.88 26.98 -5.04
N LYS B 112 9.65 27.79 -4.33
CA LYS B 112 10.59 28.71 -4.98
C LYS B 112 12.04 28.40 -4.76
N ILE B 113 12.34 27.49 -3.88
CA ILE B 113 13.64 27.06 -3.47
C ILE B 113 13.67 25.54 -3.39
N GLY C 1 -9.90 -34.52 -18.55
CA GLY C 1 -8.74 -34.40 -17.54
C GLY C 1 -8.30 -32.93 -17.61
N PHE C 2 -8.62 -32.19 -16.56
CA PHE C 2 -8.33 -30.75 -16.58
C PHE C 2 -6.95 -30.44 -16.05
N PRO C 3 -6.47 -29.27 -16.50
CA PRO C 3 -5.25 -28.71 -15.96
C PRO C 3 -5.46 -28.45 -14.45
N ILE C 4 -4.37 -28.72 -13.75
CA ILE C 4 -4.27 -28.47 -12.31
C ILE C 4 -3.66 -27.10 -12.18
N PRO C 5 -4.34 -26.18 -11.56
CA PRO C 5 -3.78 -24.81 -11.43
C PRO C 5 -2.48 -24.81 -10.66
N ASP C 6 -1.58 -23.91 -10.98
CA ASP C 6 -0.33 -23.77 -10.21
C ASP C 6 -0.02 -22.27 -10.19
N PRO C 7 0.00 -21.63 -9.04
CA PRO C 7 -0.21 -22.19 -7.71
C PRO C 7 -1.63 -22.71 -7.61
N TYR C 8 -1.82 -23.70 -6.74
CA TYR C 8 -3.06 -24.36 -6.52
C TYR C 8 -3.98 -23.46 -5.68
N CYS C 9 -4.56 -22.55 -6.41
CA CYS C 9 -5.52 -21.55 -5.94
C CYS C 9 -6.58 -21.45 -7.04
N TRP C 10 -7.76 -21.16 -6.52
CA TRP C 10 -8.96 -21.01 -7.33
C TRP C 10 -8.75 -19.97 -8.42
N ASP C 11 -9.35 -20.10 -9.56
CA ASP C 11 -9.33 -19.11 -10.67
C ASP C 11 -10.72 -18.98 -11.26
N ILE C 12 -11.02 -18.02 -12.11
CA ILE C 12 -12.40 -17.81 -12.53
C ILE C 12 -12.92 -18.86 -13.47
N SER C 13 -12.03 -19.74 -13.99
CA SER C 13 -12.50 -20.85 -14.81
C SER C 13 -13.32 -21.80 -13.96
N PHE C 14 -13.31 -21.65 -12.62
CA PHE C 14 -14.05 -22.57 -11.74
C PHE C 14 -15.36 -21.93 -11.37
N ARG C 15 -15.61 -20.72 -11.79
CA ARG C 15 -16.87 -20.07 -11.38
C ARG C 15 -18.07 -20.90 -11.66
N THR C 16 -19.02 -21.05 -10.73
CA THR C 16 -20.22 -21.72 -10.85
C THR C 16 -21.33 -20.69 -11.04
N PHE C 17 -21.10 -19.43 -10.76
CA PHE C 17 -22.11 -18.38 -10.72
C PHE C 17 -23.07 -18.36 -9.53
N TYR C 18 -22.72 -19.03 -8.46
CA TYR C 18 -23.34 -19.07 -7.13
C TYR C 18 -22.21 -18.51 -6.26
N THR C 19 -22.25 -17.25 -5.90
CA THR C 19 -21.17 -16.58 -5.18
C THR C 19 -20.84 -17.29 -3.90
N ILE C 20 -21.81 -17.72 -3.12
CA ILE C 20 -21.48 -18.41 -1.89
C ILE C 20 -20.77 -19.73 -2.22
N ILE C 21 -21.06 -20.47 -3.21
CA ILE C 21 -20.43 -21.72 -3.59
C ILE C 21 -19.03 -21.38 -4.08
N VAL C 21 -21.06 -20.47 -3.21
CA VAL C 21 -20.43 -21.72 -3.59
C VAL C 21 -19.03 -21.38 -4.08
N ASP C 22 -18.83 -20.38 -4.85
CA ASP C 22 -17.50 -20.02 -5.32
C ASP C 22 -16.63 -19.67 -4.13
N ASP C 23 -17.07 -18.82 -3.22
CA ASP C 23 -16.29 -18.44 -2.04
C ASP C 23 -15.95 -19.64 -1.24
N GLU C 24 -16.81 -20.60 -1.05
CA GLU C 24 -16.49 -21.82 -0.30
C GLU C 24 -15.45 -22.70 -1.05
N HIS C 25 -15.56 -22.80 -2.37
CA HIS C 25 -14.56 -23.54 -3.16
C HIS C 25 -13.21 -22.95 -3.00
N LYS C 26 -13.04 -21.65 -2.88
CA LYS C 26 -11.78 -20.92 -2.68
C LYS C 26 -11.12 -21.44 -1.41
N THR C 27 -11.84 -21.76 -0.36
CA THR C 27 -11.34 -22.31 0.88
C THR C 27 -10.89 -23.75 0.65
N LEU C 28 -11.38 -24.57 -0.19
CA LEU C 28 -10.98 -25.96 -0.47
C LEU C 28 -9.63 -25.97 -1.23
N PHE C 29 -9.47 -25.08 -2.17
CA PHE C 29 -8.24 -24.87 -2.88
C PHE C 29 -7.19 -24.49 -1.81
N ASN C 30 -7.47 -23.49 -0.98
CA ASN C 30 -6.49 -23.05 0.04
C ASN C 30 -6.09 -24.23 0.92
N GLY C 31 -6.95 -25.04 1.41
CA GLY C 31 -6.68 -26.13 2.31
C GLY C 31 -5.67 -27.13 1.70
N ILE C 32 -5.91 -27.42 0.45
CA ILE C 32 -5.05 -28.31 -0.31
C ILE C 32 -3.72 -27.60 -0.50
N LEU C 33 -3.64 -26.38 -0.88
CA LEU C 33 -2.39 -25.69 -0.97
C LEU C 33 -1.63 -25.79 0.36
N LEU C 34 -2.24 -25.55 1.50
CA LEU C 34 -1.56 -25.63 2.80
C LEU C 34 -0.93 -27.00 2.97
N LEU C 35 -1.60 -28.08 2.78
CA LEU C 35 -1.05 -29.41 2.91
C LEU C 35 0.14 -29.63 1.95
N SER C 36 0.02 -29.05 0.77
CA SER C 36 1.09 -29.22 -0.25
C SER C 36 2.33 -28.57 0.34
N GLN C 37 2.20 -27.64 1.27
CA GLN C 37 3.29 -26.96 1.96
C GLN C 37 3.73 -27.59 3.27
N ALA C 38 2.90 -28.22 3.96
CA ALA C 38 3.21 -28.91 5.21
C ALA C 38 2.06 -29.83 5.45
N ASP C 39 2.33 -31.08 5.23
CA ASP C 39 1.20 -32.04 5.47
C ASP C 39 1.12 -32.19 6.96
N ASN C 40 0.42 -31.43 7.73
CA ASN C 40 0.35 -31.58 9.21
C ASN C 40 -1.15 -31.53 9.63
N ALA C 41 -1.32 -31.67 10.94
CA ALA C 41 -2.67 -31.69 11.52
C ALA C 41 -3.29 -30.32 11.41
N ASP C 42 -2.72 -29.19 11.60
CA ASP C 42 -3.46 -27.95 11.51
C ASP C 42 -4.05 -27.79 10.12
N HIS C 43 -3.18 -28.03 9.17
CA HIS C 43 -3.53 -27.93 7.76
C HIS C 43 -4.55 -28.94 7.40
N LEU C 44 -4.49 -30.19 7.81
CA LEU C 44 -5.54 -31.10 7.54
C LEU C 44 -6.87 -30.68 8.23
N ASN C 45 -6.87 -30.15 9.40
CA ASN C 45 -8.06 -29.75 10.13
C ASN C 45 -8.72 -28.62 9.35
N GLU C 46 -7.92 -27.72 8.86
CA GLU C 46 -8.45 -26.57 8.10
C GLU C 46 -9.22 -27.06 6.88
N LEU C 47 -8.57 -27.95 6.14
CA LEU C 47 -9.22 -28.51 4.97
C LEU C 47 -10.43 -29.30 5.37
N ARG C 48 -10.34 -30.18 6.28
CA ARG C 48 -11.42 -31.05 6.73
C ARG C 48 -12.66 -30.21 7.14
N ARG C 49 -12.46 -29.23 7.98
CA ARG C 49 -13.54 -28.35 8.42
C ARG C 49 -14.21 -27.69 7.17
N CYS C 50 -13.48 -27.02 6.29
CA CYS C 50 -13.94 -26.32 5.07
C CYS C 50 -14.61 -27.27 4.13
N THR C 51 -14.12 -28.47 4.01
CA THR C 51 -14.74 -29.47 3.15
C THR C 51 -16.08 -29.94 3.71
N GLY C 52 -16.13 -30.36 4.94
CA GLY C 52 -17.43 -30.79 5.54
C GLY C 52 -18.46 -29.62 5.49
N LYS C 53 -18.10 -28.44 5.77
CA LYS C 53 -19.02 -27.32 5.74
C LYS C 53 -19.47 -27.08 4.29
N HIS C 54 -18.59 -27.04 3.34
CA HIS C 54 -18.96 -26.78 1.95
C HIS C 54 -19.92 -27.86 1.43
N PHE C 55 -19.61 -29.11 1.71
CA PHE C 55 -20.40 -30.20 1.18
C PHE C 55 -21.81 -30.11 1.72
N LEU C 56 -21.96 -29.90 2.98
CA LEU C 56 -23.27 -29.83 3.57
C LEU C 56 -23.96 -28.59 3.04
N ASN C 57 -23.37 -27.47 2.92
CA ASN C 57 -24.00 -26.26 2.40
C ASN C 57 -24.50 -26.50 0.99
N GLU C 58 -23.63 -27.05 0.17
CA GLU C 58 -24.00 -27.32 -1.24
C GLU C 58 -25.09 -28.33 -1.36
N GLN C 59 -25.12 -29.34 -0.53
CA GLN C 59 -26.13 -30.35 -0.49
C GLN C 59 -27.46 -29.71 -0.05
N GLN C 60 -27.42 -28.79 0.89
CA GLN C 60 -28.65 -28.06 1.27
C GLN C 60 -29.21 -27.25 0.11
N LEU C 61 -28.32 -26.55 -0.60
CA LEU C 61 -28.75 -25.79 -1.78
C LEU C 61 -29.42 -26.71 -2.81
N MET C 62 -28.83 -27.87 -3.06
CA MET C 62 -29.40 -28.87 -3.97
C MET C 62 -30.76 -29.32 -3.46
N GLN C 63 -30.91 -29.60 -2.18
CA GLN C 63 -32.22 -30.02 -1.63
C GLN C 63 -33.26 -28.94 -1.70
N ALA C 64 -32.95 -27.68 -1.63
CA ALA C 64 -33.92 -26.60 -1.70
C ALA C 64 -34.69 -26.54 -3.03
N SER C 65 -34.17 -27.04 -4.11
CA SER C 65 -34.87 -27.14 -5.41
C SER C 65 -35.17 -28.56 -5.77
N GLN C 66 -35.04 -29.45 -4.85
CA GLN C 66 -35.23 -30.89 -5.07
C GLN C 66 -34.44 -31.39 -6.28
N TYR C 67 -33.16 -31.03 -6.32
CA TYR C 67 -32.24 -31.39 -7.41
C TYR C 67 -32.20 -32.89 -7.63
N ALA C 68 -32.39 -33.22 -8.93
CA ALA C 68 -32.49 -34.62 -9.33
C ALA C 68 -31.19 -35.40 -9.24
N GLY C 69 -30.09 -34.73 -9.28
CA GLY C 69 -28.74 -35.32 -9.18
C GLY C 69 -28.22 -35.36 -7.76
N TYR C 70 -29.01 -35.07 -6.75
CA TYR C 70 -28.46 -35.02 -5.39
C TYR C 70 -27.74 -36.28 -4.93
N ALA C 71 -28.38 -37.42 -5.02
CA ALA C 71 -27.85 -38.70 -4.46
C ALA C 71 -26.49 -39.04 -4.98
N GLU C 72 -26.28 -38.90 -6.25
CA GLU C 72 -24.99 -39.20 -6.84
C GLU C 72 -23.97 -38.17 -6.33
N HIS C 73 -24.48 -36.93 -6.23
CA HIS C 73 -23.53 -35.87 -5.82
C HIS C 73 -23.18 -36.14 -4.37
N LYS C 74 -24.12 -36.44 -3.52
CA LYS C 74 -23.85 -36.71 -2.13
C LYS C 74 -22.88 -37.87 -1.96
N LYS C 75 -23.02 -38.90 -2.74
CA LYS C 75 -22.04 -40.04 -2.65
C LYS C 75 -20.65 -39.58 -3.07
N ALA C 76 -20.49 -38.75 -4.10
CA ALA C 76 -19.15 -38.25 -4.41
C ALA C 76 -18.56 -37.49 -3.23
N HIS C 77 -19.29 -36.63 -2.56
CA HIS C 77 -18.83 -35.85 -1.44
C HIS C 77 -18.38 -36.72 -0.28
N ASP C 78 -19.19 -37.68 0.05
CA ASP C 78 -19.08 -38.67 1.13
C ASP C 78 -17.80 -39.52 1.00
N ASP C 79 -17.48 -39.88 -0.24
CA ASP C 79 -16.27 -40.58 -0.61
C ASP C 79 -15.07 -39.69 -0.36
N PHE C 80 -15.07 -38.41 -0.63
CA PHE C 80 -13.91 -37.56 -0.40
C PHE C 80 -13.74 -37.32 1.10
N ILE C 81 -14.82 -37.12 1.82
CA ILE C 81 -14.73 -36.92 3.26
C ILE C 81 -13.99 -38.14 3.85
N HIS C 82 -14.37 -39.31 3.42
CA HIS C 82 -13.77 -40.59 3.80
C HIS C 82 -12.28 -40.56 3.57
N LYS C 83 -11.84 -40.08 2.42
CA LYS C 83 -10.43 -39.97 2.20
C LYS C 83 -9.83 -39.05 3.25
N LEU C 84 -10.40 -37.89 3.54
CA LEU C 84 -9.74 -37.02 4.49
C LEU C 84 -9.77 -37.65 5.87
N ASP C 85 -10.72 -38.49 6.16
CA ASP C 85 -10.83 -39.09 7.51
C ASP C 85 -9.82 -40.22 7.61
N THR C 86 -9.28 -40.68 6.54
CA THR C 86 -8.26 -41.75 6.57
C THR C 86 -7.13 -41.23 5.74
N TRP C 87 -6.69 -40.03 5.97
CA TRP C 87 -5.71 -39.31 5.18
C TRP C 87 -4.45 -40.19 4.98
N ASP C 88 -3.99 -40.19 3.74
CA ASP C 88 -2.75 -40.97 3.41
C ASP C 88 -1.64 -40.10 2.91
N GLY C 89 -1.70 -38.82 2.87
CA GLY C 89 -0.70 -37.91 2.46
C GLY C 89 -0.59 -37.66 0.97
N ASP C 90 -1.50 -38.20 0.23
CA ASP C 90 -1.52 -38.12 -1.23
C ASP C 90 -2.19 -36.84 -1.72
N VAL C 91 -1.38 -35.83 -1.76
CA VAL C 91 -1.74 -34.46 -2.15
C VAL C 91 -2.10 -34.40 -3.61
N THR C 92 -1.53 -35.34 -4.32
CA THR C 92 -1.79 -35.25 -5.79
C THR C 92 -3.16 -35.70 -6.11
N TYR C 93 -3.63 -36.77 -5.54
CA TYR C 93 -4.95 -37.30 -5.59
C TYR C 93 -5.95 -36.14 -5.22
N ALA C 94 -5.68 -35.54 -4.05
CA ALA C 94 -6.62 -34.44 -3.65
C ALA C 94 -6.73 -33.36 -4.66
N LYS C 95 -5.60 -32.86 -5.17
CA LYS C 95 -5.51 -31.79 -6.16
C LYS C 95 -6.32 -32.12 -7.36
N ASN C 96 -6.23 -33.32 -7.83
CA ASN C 96 -6.96 -33.80 -8.96
C ASN C 96 -8.47 -33.96 -8.63
N TRP C 97 -8.74 -34.57 -7.49
CA TRP C 97 -10.15 -34.81 -7.12
C TRP C 97 -10.92 -33.48 -7.14
N LEU C 98 -10.38 -32.45 -6.53
CA LEU C 98 -11.14 -31.19 -6.42
C LEU C 98 -11.37 -30.60 -7.78
N VAL C 99 -10.34 -30.44 -8.59
CA VAL C 99 -10.52 -29.91 -9.95
C VAL C 99 -11.59 -30.68 -10.70
N ASN C 100 -11.63 -31.96 -10.80
CA ASN C 100 -12.64 -32.68 -11.58
C ASN C 100 -13.99 -32.58 -10.93
N HIS C 101 -14.07 -32.66 -9.59
CA HIS C 101 -15.39 -32.55 -8.91
C HIS C 101 -16.12 -31.27 -9.26
N ILE C 102 -15.45 -30.13 -9.15
CA ILE C 102 -16.08 -28.90 -9.47
C ILE C 102 -16.46 -28.90 -10.94
N LYS C 103 -15.47 -29.09 -11.82
CA LYS C 103 -15.72 -28.86 -13.25
C LYS C 103 -16.55 -29.92 -13.89
N THR C 104 -16.81 -31.04 -13.29
CA THR C 104 -17.72 -32.00 -13.88
C THR C 104 -18.95 -32.24 -13.00
N ILE C 105 -18.96 -32.40 -11.73
CA ILE C 105 -20.10 -32.75 -10.89
C ILE C 105 -20.75 -31.45 -10.38
N ASP C 106 -20.00 -30.52 -9.82
CA ASP C 106 -20.65 -29.25 -9.44
C ASP C 106 -21.19 -28.60 -10.69
N PHE C 107 -20.42 -28.49 -11.78
CA PHE C 107 -20.96 -27.80 -12.94
C PHE C 107 -22.26 -28.37 -13.44
N LYS C 108 -22.62 -29.59 -13.21
CA LYS C 108 -23.86 -30.21 -13.62
C LYS C 108 -25.07 -29.51 -12.95
N TYR C 109 -25.05 -28.97 -11.78
CA TYR C 109 -26.25 -28.35 -11.17
C TYR C 109 -26.38 -26.93 -11.69
N ARG C 110 -25.54 -26.30 -12.42
CA ARG C 110 -25.73 -24.89 -12.80
C ARG C 110 -27.04 -24.65 -13.49
N GLY C 111 -27.86 -23.73 -13.03
CA GLY C 111 -29.17 -23.47 -13.58
C GLY C 111 -30.28 -24.27 -13.06
N LYS C 112 -30.03 -25.28 -12.29
CA LYS C 112 -31.04 -26.15 -11.75
C LYS C 112 -31.24 -25.97 -10.27
N ILE C 113 -30.49 -25.13 -9.60
CA ILE C 113 -30.58 -24.89 -8.15
C ILE C 113 -30.44 -23.41 -7.88
N GLY D 1 9.40 -5.85 8.82
CA GLY D 1 7.93 -5.78 8.44
C GLY D 1 7.37 -7.16 8.33
N PHE D 2 6.06 -7.30 8.07
CA PHE D 2 5.56 -8.68 8.00
C PHE D 2 6.07 -9.30 6.71
N PRO D 3 6.20 -10.58 6.72
CA PRO D 3 6.48 -11.28 5.47
C PRO D 3 5.24 -11.28 4.53
N ILE D 4 5.42 -11.13 3.25
CA ILE D 4 4.35 -11.23 2.24
C ILE D 4 4.37 -12.66 1.74
N PRO D 5 3.34 -13.46 1.95
CA PRO D 5 3.32 -14.83 1.43
C PRO D 5 3.51 -14.87 -0.08
N ASP D 6 4.30 -15.88 -0.49
CA ASP D 6 4.55 -16.19 -1.89
C ASP D 6 4.45 -17.73 -2.09
N PRO D 7 3.44 -18.22 -2.82
CA PRO D 7 2.37 -17.50 -3.49
C PRO D 7 1.48 -16.78 -2.48
N TYR D 8 0.81 -15.77 -2.94
CA TYR D 8 -0.04 -14.94 -2.08
C TYR D 8 -1.36 -15.61 -1.78
N CYS D 9 -1.37 -16.55 -0.86
CA CYS D 9 -2.57 -17.21 -0.39
C CYS D 9 -2.41 -17.18 1.14
N TRP D 10 -3.60 -17.33 1.71
CA TRP D 10 -3.70 -17.34 3.16
C TRP D 10 -2.92 -18.50 3.75
N ASP D 11 -2.45 -18.32 4.96
CA ASP D 11 -1.73 -19.35 5.78
C ASP D 11 -2.24 -19.25 7.22
N ILE D 12 -1.93 -20.24 8.06
CA ILE D 12 -2.47 -20.28 9.39
C ILE D 12 -1.87 -19.23 10.28
N SER D 13 -0.83 -18.52 9.86
CA SER D 13 -0.32 -17.45 10.68
C SER D 13 -1.36 -16.33 10.77
N PHE D 14 -2.29 -16.38 9.79
CA PHE D 14 -3.30 -15.29 9.79
C PHE D 14 -4.54 -15.68 10.56
N ARG D 15 -4.50 -16.82 11.24
CA ARG D 15 -5.74 -17.20 11.94
C ARG D 15 -6.15 -16.19 12.98
N THR D 16 -7.42 -15.88 13.07
CA THR D 16 -8.07 -15.02 13.98
C THR D 16 -8.80 -15.91 15.04
N PHE D 17 -9.08 -17.14 14.69
CA PHE D 17 -9.84 -18.12 15.42
C PHE D 17 -11.34 -17.88 15.34
N TYR D 18 -11.81 -17.04 14.47
CA TYR D 18 -13.25 -16.89 14.17
C TYR D 18 -13.32 -17.59 12.81
N THR D 19 -13.77 -18.79 12.70
CA THR D 19 -13.75 -19.51 11.40
C THR D 19 -14.44 -18.80 10.30
N ILE D 20 -15.55 -18.12 10.43
CA ILE D 20 -16.19 -17.39 9.39
C ILE D 20 -15.26 -16.27 8.94
N ILE D 21 -14.60 -15.54 9.79
CA ILE D 21 -13.66 -14.51 9.43
C ILE D 21 -12.45 -15.07 8.60
N VAL D 21 -14.60 -15.54 9.79
CA VAL D 21 -13.66 -14.51 9.43
C VAL D 21 -12.45 -15.07 8.60
N ASP D 22 -11.86 -16.14 9.09
CA ASP D 22 -10.68 -16.71 8.37
C ASP D 22 -11.12 -17.13 6.99
N ASP D 23 -12.32 -17.75 6.87
CA ASP D 23 -12.78 -18.22 5.53
C ASP D 23 -12.97 -17.02 4.61
N GLU D 24 -13.55 -15.95 5.06
CA GLU D 24 -13.69 -14.76 4.24
C GLU D 24 -12.34 -14.20 3.88
N HIS D 25 -11.43 -14.21 4.85
CA HIS D 25 -10.06 -13.73 4.52
C HIS D 25 -9.42 -14.58 3.45
N LYS D 26 -9.57 -15.86 3.33
CA LYS D 26 -8.98 -16.64 2.27
C LYS D 26 -9.42 -16.11 0.93
N THR D 27 -10.67 -15.59 0.82
CA THR D 27 -11.20 -15.06 -0.45
C THR D 27 -10.51 -13.77 -0.80
N LEU D 28 -10.08 -12.94 0.15
CA LEU D 28 -9.42 -11.66 -0.13
C LEU D 28 -7.98 -11.93 -0.65
N PHE D 29 -7.29 -12.87 -0.04
CA PHE D 29 -5.96 -13.34 -0.57
C PHE D 29 -6.21 -13.75 -2.01
N ASN D 30 -7.10 -14.69 -2.24
CA ASN D 30 -7.34 -15.17 -3.59
C ASN D 30 -7.61 -14.02 -4.53
N GLY D 31 -8.43 -13.03 -4.27
CA GLY D 31 -8.76 -11.92 -5.13
C GLY D 31 -7.50 -11.14 -5.53
N ILE D 32 -6.62 -10.81 -4.62
CA ILE D 32 -5.36 -10.13 -4.88
C ILE D 32 -4.44 -10.99 -5.73
N LEU D 33 -4.33 -12.25 -5.44
CA LEU D 33 -3.53 -13.14 -6.28
C LEU D 33 -4.03 -13.05 -7.71
N LEU D 34 -5.31 -13.16 -7.96
CA LEU D 34 -5.84 -13.08 -9.34
C LEU D 34 -5.38 -11.76 -9.92
N LEU D 35 -5.52 -10.63 -9.30
CA LEU D 35 -5.08 -9.37 -9.85
C LEU D 35 -3.58 -9.46 -10.19
N SER D 36 -2.81 -10.15 -9.41
CA SER D 36 -1.38 -10.32 -9.60
C SER D 36 -1.15 -11.07 -10.89
N GLN D 37 -1.99 -12.02 -11.16
CA GLN D 37 -1.88 -12.77 -12.42
C GLN D 37 -2.33 -11.92 -13.57
N ALA D 38 -3.45 -11.28 -13.60
CA ALA D 38 -3.93 -10.49 -14.72
C ALA D 38 -4.78 -9.38 -14.14
N ASP D 39 -4.38 -8.18 -14.39
CA ASP D 39 -5.13 -7.05 -13.87
C ASP D 39 -6.26 -6.75 -14.84
N ASN D 40 -7.44 -7.29 -14.63
CA ASN D 40 -8.61 -7.08 -15.51
C ASN D 40 -9.86 -6.83 -14.65
N ALA D 41 -10.93 -6.47 -15.27
CA ALA D 41 -12.18 -6.18 -14.60
C ALA D 41 -12.76 -7.42 -13.94
N ASP D 42 -12.73 -8.62 -14.44
CA ASP D 42 -13.25 -9.80 -13.83
C ASP D 42 -12.60 -9.99 -12.44
N HIS D 43 -11.27 -9.97 -12.46
CA HIS D 43 -10.53 -10.18 -11.20
C HIS D 43 -10.85 -9.08 -10.24
N LEU D 44 -10.88 -7.83 -10.64
CA LEU D 44 -11.19 -6.73 -9.76
C LEU D 44 -12.62 -6.87 -9.14
N ASN D 45 -13.57 -7.22 -9.96
CA ASN D 45 -14.95 -7.42 -9.47
C ASN D 45 -14.93 -8.48 -8.39
N GLU D 46 -14.24 -9.59 -8.63
CA GLU D 46 -14.20 -10.68 -7.68
C GLU D 46 -13.64 -10.19 -6.35
N LEU D 47 -12.54 -9.51 -6.35
CA LEU D 47 -11.95 -8.96 -5.12
C LEU D 47 -12.91 -7.95 -4.52
N ARG D 48 -13.42 -6.99 -5.27
CA ARG D 48 -14.28 -5.95 -4.80
C ARG D 48 -15.54 -6.51 -4.13
N ARG D 49 -16.18 -7.50 -4.67
CA ARG D 49 -17.34 -8.17 -4.09
C ARG D 49 -16.92 -8.76 -2.73
N CYS D 50 -15.92 -9.64 -2.77
CA CYS D 50 -15.45 -10.31 -1.53
C CYS D 50 -15.00 -9.33 -0.50
N THR D 51 -14.37 -8.25 -0.78
CA THR D 51 -13.91 -7.23 0.14
C THR D 51 -15.15 -6.52 0.68
N GLY D 52 -16.08 -6.03 -0.07
CA GLY D 52 -17.32 -5.37 0.41
C GLY D 52 -18.05 -6.29 1.36
N LYS D 53 -18.22 -7.55 1.05
CA LYS D 53 -18.93 -8.53 1.83
C LYS D 53 -18.15 -8.82 3.13
N HIS D 54 -16.90 -9.10 3.13
CA HIS D 54 -16.12 -9.36 4.34
C HIS D 54 -16.13 -8.15 5.25
N PHE D 55 -15.90 -6.95 4.79
CA PHE D 55 -15.87 -5.75 5.60
C PHE D 55 -17.24 -5.54 6.32
N LEU D 56 -18.31 -5.64 5.62
CA LEU D 56 -19.61 -5.56 6.22
C LEU D 56 -19.81 -6.69 7.21
N ASN D 57 -19.62 -7.91 6.96
CA ASN D 57 -19.81 -9.02 7.89
C ASN D 57 -18.94 -8.81 9.13
N GLU D 58 -17.71 -8.44 8.94
CA GLU D 58 -16.86 -8.24 10.11
C GLU D 58 -17.36 -7.08 10.90
N GLN D 59 -17.80 -6.01 10.35
CA GLN D 59 -18.36 -4.84 10.96
C GLN D 59 -19.62 -5.21 11.78
N GLN D 60 -20.43 -6.07 11.28
CA GLN D 60 -21.60 -6.57 12.03
C GLN D 60 -21.16 -7.37 13.23
N LEU D 61 -20.21 -8.28 13.11
CA LEU D 61 -19.73 -9.06 14.26
C LEU D 61 -19.20 -8.14 15.32
N MET D 62 -18.51 -7.05 14.95
CA MET D 62 -17.97 -6.07 15.86
C MET D 62 -19.16 -5.41 16.59
N GLN D 63 -20.15 -4.95 15.86
CA GLN D 63 -21.27 -4.26 16.49
C GLN D 63 -22.04 -5.11 17.49
N ALA D 64 -22.12 -6.39 17.26
CA ALA D 64 -22.88 -7.35 18.01
C ALA D 64 -22.39 -7.44 19.49
N SER D 65 -21.12 -7.06 19.69
CA SER D 65 -20.55 -7.00 21.08
C SER D 65 -20.22 -5.54 21.36
N GLN D 66 -20.78 -4.62 20.64
CA GLN D 66 -20.55 -3.20 20.83
C GLN D 66 -19.05 -2.92 20.95
N TYR D 67 -18.22 -3.50 20.12
CA TYR D 67 -16.78 -3.40 20.08
C TYR D 67 -16.31 -1.96 20.15
N ALA D 68 -15.41 -1.64 21.11
CA ALA D 68 -14.94 -0.28 21.33
C ALA D 68 -14.10 0.26 20.18
N GLY D 69 -13.44 -0.64 19.43
CA GLY D 69 -12.61 -0.16 18.33
C GLY D 69 -13.32 -0.16 17.00
N TYR D 70 -14.62 -0.18 16.93
CA TYR D 70 -15.39 -0.26 15.67
C TYR D 70 -15.10 0.90 14.72
N ALA D 71 -15.16 2.08 15.27
CA ALA D 71 -15.10 3.26 14.40
C ALA D 71 -13.79 3.33 13.72
N GLU D 72 -12.70 3.18 14.41
CA GLU D 72 -11.40 3.19 13.73
C GLU D 72 -11.25 2.06 12.74
N HIS D 73 -11.82 0.91 13.00
CA HIS D 73 -11.76 -0.27 12.13
C HIS D 73 -12.62 0.00 10.89
N LYS D 74 -13.76 0.58 11.06
CA LYS D 74 -14.60 0.88 9.89
C LYS D 74 -13.91 1.83 8.92
N LYS D 75 -13.27 2.81 9.43
CA LYS D 75 -12.53 3.81 8.70
C LYS D 75 -11.37 3.18 7.93
N ALA D 76 -10.69 2.19 8.42
CA ALA D 76 -9.62 1.47 7.69
C ALA D 76 -10.22 0.69 6.53
N HIS D 77 -11.31 -0.02 6.77
CA HIS D 77 -12.07 -0.77 5.75
C HIS D 77 -12.53 0.16 4.66
N ASP D 78 -13.13 1.27 5.01
CA ASP D 78 -13.73 2.25 4.06
C ASP D 78 -12.65 2.81 3.13
N ASP D 79 -11.49 3.08 3.65
CA ASP D 79 -10.37 3.63 2.85
C ASP D 79 -9.90 2.61 1.87
N PHE D 80 -9.86 1.35 2.18
CA PHE D 80 -9.43 0.32 1.26
C PHE D 80 -10.49 0.13 0.17
N ILE D 81 -11.78 0.20 0.47
CA ILE D 81 -12.86 0.13 -0.54
C ILE D 81 -12.65 1.31 -1.51
N HIS D 82 -12.41 2.46 -0.95
CA HIS D 82 -12.19 3.61 -1.82
C HIS D 82 -11.03 3.32 -2.77
N LYS D 83 -9.94 2.78 -2.34
CA LYS D 83 -8.82 2.42 -3.22
C LYS D 83 -9.28 1.45 -4.27
N LEU D 84 -10.08 0.43 -4.01
CA LEU D 84 -10.53 -0.48 -5.03
C LEU D 84 -11.54 0.21 -5.97
N ASP D 85 -12.26 1.16 -5.53
CA ASP D 85 -13.22 1.84 -6.41
C ASP D 85 -12.44 2.81 -7.31
N THR D 86 -11.24 3.14 -6.95
CA THR D 86 -10.43 4.05 -7.82
C THR D 86 -9.19 3.30 -8.20
N TRP D 87 -9.23 2.04 -8.52
CA TRP D 87 -8.12 1.13 -8.72
C TRP D 87 -7.04 1.78 -9.66
N ASP D 88 -5.84 1.75 -9.12
CA ASP D 88 -4.65 2.32 -9.81
C ASP D 88 -3.76 1.23 -10.27
N GLY D 89 -4.02 -0.02 -10.17
CA GLY D 89 -3.16 -1.09 -10.64
C GLY D 89 -2.07 -1.51 -9.69
N ASP D 90 -1.94 -0.86 -8.55
CA ASP D 90 -0.92 -1.15 -7.59
C ASP D 90 -1.23 -2.41 -6.79
N VAL D 91 -0.84 -3.55 -7.30
CA VAL D 91 -1.02 -4.83 -6.62
C VAL D 91 -0.21 -4.89 -5.37
N THR D 92 1.01 -4.34 -5.43
CA THR D 92 1.91 -4.39 -4.27
C THR D 92 1.27 -3.74 -3.05
N TYR D 93 0.70 -2.59 -3.27
CA TYR D 93 0.02 -1.89 -2.21
C TYR D 93 -1.04 -2.83 -1.58
N ALA D 94 -1.86 -3.37 -2.44
CA ALA D 94 -2.91 -4.27 -1.96
C ALA D 94 -2.36 -5.43 -1.22
N LYS D 95 -1.30 -6.07 -1.68
CA LYS D 95 -0.74 -7.26 -1.01
C LYS D 95 -0.31 -6.92 0.39
N ASN D 96 0.38 -5.79 0.48
CA ASN D 96 0.86 -5.23 1.75
C ASN D 96 -0.32 -4.76 2.65
N TRP D 97 -1.28 -4.06 2.10
CA TRP D 97 -2.38 -3.59 2.94
C TRP D 97 -3.08 -4.75 3.57
N LEU D 98 -3.34 -5.81 2.93
CA LEU D 98 -4.14 -6.92 3.50
C LEU D 98 -3.37 -7.62 4.62
N VAL D 99 -2.13 -7.95 4.41
CA VAL D 99 -1.31 -8.56 5.43
C VAL D 99 -1.28 -7.70 6.65
N ASN D 100 -1.02 -6.44 6.59
CA ASN D 100 -0.95 -5.60 7.76
C ASN D 100 -2.33 -5.44 8.40
N HIS D 101 -3.36 -5.30 7.56
CA HIS D 101 -4.72 -5.13 8.11
C HIS D 101 -5.07 -6.31 9.02
N ILE D 102 -4.87 -7.49 8.57
CA ILE D 102 -5.24 -8.65 9.35
C ILE D 102 -4.43 -8.73 10.63
N LYS D 103 -3.09 -8.63 10.49
CA LYS D 103 -2.20 -8.89 11.63
C LYS D 103 -2.11 -7.74 12.55
N THR D 104 -2.61 -6.57 12.32
CA THR D 104 -2.58 -5.46 13.25
C THR D 104 -4.00 -5.04 13.65
N ILE D 105 -4.90 -4.72 12.81
CA ILE D 105 -6.23 -4.21 13.13
C ILE D 105 -7.19 -5.34 13.37
N ASP D 106 -7.24 -6.37 12.59
CA ASP D 106 -8.17 -7.47 12.87
C ASP D 106 -7.66 -8.22 14.11
N PHE D 107 -6.41 -8.47 14.24
CA PHE D 107 -5.95 -9.15 15.51
C PHE D 107 -6.38 -8.44 16.77
N LYS D 108 -6.55 -7.15 16.75
CA LYS D 108 -6.93 -6.35 17.92
C LYS D 108 -8.31 -6.75 18.44
N TYR D 109 -9.27 -7.23 17.65
CA TYR D 109 -10.58 -7.53 18.23
C TYR D 109 -10.57 -8.91 18.80
N ARG D 110 -9.52 -9.69 18.69
CA ARG D 110 -9.57 -11.11 19.17
C ARG D 110 -9.93 -11.25 20.62
N GLY D 111 -10.93 -12.02 20.99
CA GLY D 111 -11.32 -12.08 22.43
C GLY D 111 -12.24 -11.00 22.84
N LYS D 112 -12.62 -10.03 22.03
CA LYS D 112 -13.51 -8.93 22.39
C LYS D 112 -14.85 -8.94 21.65
N ILE D 113 -14.97 -9.85 20.69
CA ILE D 113 -16.19 -9.98 19.85
C ILE D 113 -16.49 -11.47 19.72
#